data_3EBC
#
_entry.id   3EBC
#
_cell.length_a   46.551
_cell.length_b   91.571
_cell.length_c   70.594
_cell.angle_alpha   90.000
_cell.angle_beta   107.460
_cell.angle_gamma   90.000
#
_symmetry.space_group_name_H-M   'P 1 21 1'
#
loop_
_entity.id
_entity.type
_entity.pdbx_description
1 polymer 'Type-2 restriction enzyme HincII'
2 polymer "5'-D(*DGP*DCP*DCP*DGP*DGP*DTP*DCP*DGP*DAP*DCP*DGP*DGP*DGP*DC)-3'"
3 polymer "5'-D(*DGP*DCP*DCP*DCP*DGP*DTP*DCP*DGP*DAP*DCP*DCP*DGP*DGP*DC)-3'"
4 non-polymer 'MANGANESE (II) ION'
5 water water
#
loop_
_entity_poly.entity_id
_entity_poly.type
_entity_poly.pdbx_seq_one_letter_code
_entity_poly.pdbx_strand_id
1 'polypeptide(L)'
;MAMSFIKPIYQDINSILIGQKVKRPKSGTLSGHAAGEPFEKLVYKFLKENLSDLTFKQYEYLNDLFMKNPAIIGHEARYK
LFNSPTLLFLLSRGKAATENWSIENLFEEKQNDTADILLVKDQFYELLDVKTRNISKSAQAPAIISAYKLAQTCAKMIDN
KEFDLFDINYLEVDWELNGEDLVCVSTSFAELFKSEPSELYINWAAAMQIQFHVRDLDQGFNGTREEWAKSYLKHFVTQA
EQRAISMIDKFVKPFKKYILRSRELVDPNSVQARLQDVDGTIDTRSKLAAAQLYTRASQPELAPEDPEDLEHHHHHH
;
A,B
2 'polydeoxyribonucleotide' (DG)(DC)(DC)(DG)(DG)(DT)(DC)(DG)(DA)(DC)(DG)(DG)(DG)(DC) E
3 'polydeoxyribonucleotide' (DG)(DC)(DC)(DC)(DG)(DT)(DC)(DG)(DA)(DC)(DC)(DG)(DG)(DC) F
#
loop_
_chem_comp.id
_chem_comp.type
_chem_comp.name
_chem_comp.formula
DA DNA linking 2'-DEOXYADENOSINE-5'-MONOPHOSPHATE 'C10 H14 N5 O6 P'
DC DNA linking 2'-DEOXYCYTIDINE-5'-MONOPHOSPHATE 'C9 H14 N3 O7 P'
DG DNA linking 2'-DEOXYGUANOSINE-5'-MONOPHOSPHATE 'C10 H14 N5 O7 P'
DT DNA linking THYMIDINE-5'-MONOPHOSPHATE 'C10 H15 N2 O8 P'
MN non-polymer 'MANGANESE (II) ION' 'Mn 2'
#
# COMPACT_ATOMS: atom_id res chain seq x y z
N SER A 4 15.01 -2.46 -26.05
CA SER A 4 15.78 -1.85 -24.92
C SER A 4 16.90 -0.96 -25.43
N PHE A 5 16.77 0.34 -25.12
CA PHE A 5 17.81 1.32 -25.46
C PHE A 5 18.80 1.38 -24.31
N ILE A 6 18.47 0.73 -23.20
CA ILE A 6 19.29 0.78 -21.98
C ILE A 6 20.35 -0.32 -21.96
N LYS A 7 19.98 -1.52 -22.43
CA LYS A 7 20.88 -2.67 -22.48
C LYS A 7 22.17 -2.29 -23.19
N PRO A 8 22.09 -1.72 -24.41
CA PRO A 8 23.32 -1.39 -25.13
C PRO A 8 24.24 -0.40 -24.41
N ILE A 9 23.75 0.28 -23.39
CA ILE A 9 24.61 1.18 -22.61
C ILE A 9 24.62 0.85 -21.11
N TYR A 10 24.19 -0.37 -20.77
CA TYR A 10 24.14 -0.79 -19.37
C TYR A 10 25.54 -0.90 -18.72
N GLN A 11 26.53 -1.36 -19.51
CA GLN A 11 27.94 -1.32 -19.10
C GLN A 11 28.21 0.04 -18.45
N ASP A 12 27.95 1.09 -19.23
CA ASP A 12 28.17 2.49 -18.88
C ASP A 12 27.39 2.91 -17.62
N ILE A 13 26.09 2.61 -17.61
CA ILE A 13 25.23 2.94 -16.46
C ILE A 13 25.70 2.30 -15.16
N ASN A 14 26.07 1.02 -15.23
CA ASN A 14 26.62 0.31 -14.08
C ASN A 14 27.79 1.06 -13.43
N SER A 15 28.79 1.39 -14.25
CA SER A 15 30.06 1.99 -13.81
C SER A 15 29.92 3.40 -13.24
N ILE A 16 28.96 4.18 -13.76
CA ILE A 16 28.68 5.51 -13.22
C ILE A 16 27.93 5.40 -11.88
N LEU A 17 27.04 4.41 -11.79
CA LEU A 17 26.28 4.21 -10.56
C LEU A 17 27.12 3.62 -9.43
N ILE A 18 27.99 2.68 -9.77
CA ILE A 18 28.86 2.07 -8.76
C ILE A 18 29.79 3.13 -8.14
N GLY A 19 29.60 3.37 -6.84
CA GLY A 19 30.40 4.34 -6.10
C GLY A 19 29.76 5.69 -5.81
N GLN A 20 28.54 5.91 -6.28
CA GLN A 20 27.78 7.12 -5.94
C GLN A 20 27.30 7.07 -4.47
N LYS A 21 26.97 8.22 -3.89
CA LYS A 21 26.71 8.30 -2.44
C LYS A 21 25.54 9.23 -2.08
N VAL A 22 24.71 8.82 -1.13
CA VAL A 22 23.59 9.66 -0.68
C VAL A 22 23.55 9.85 0.85
N GLY A 36 16.71 4.72 0.10
CA GLY A 36 17.63 4.67 -1.03
C GLY A 36 17.03 5.22 -2.31
N GLU A 37 15.88 5.88 -2.16
CA GLU A 37 15.14 6.48 -3.28
C GLU A 37 15.94 7.56 -4.03
N PRO A 38 16.68 8.43 -3.29
CA PRO A 38 17.55 9.41 -3.96
C PRO A 38 18.36 8.86 -5.12
N PHE A 39 18.57 7.54 -5.15
CA PHE A 39 19.32 6.87 -6.23
C PHE A 39 18.67 6.89 -7.61
N GLU A 40 17.34 6.81 -7.67
CA GLU A 40 16.69 6.81 -8.98
C GLU A 40 16.81 8.16 -9.70
N LYS A 41 17.03 9.24 -8.94
CA LYS A 41 17.26 10.56 -9.51
C LYS A 41 18.61 10.62 -10.22
N LEU A 42 19.52 9.74 -9.81
CA LEU A 42 20.84 9.70 -10.41
C LEU A 42 20.83 8.86 -11.67
N VAL A 43 19.86 7.95 -11.74
CA VAL A 43 19.61 7.12 -12.92
C VAL A 43 18.96 8.01 -13.97
N TYR A 44 17.99 8.79 -13.54
CA TYR A 44 17.30 9.72 -14.42
C TYR A 44 18.27 10.73 -14.97
N LYS A 45 18.97 11.41 -14.07
CA LYS A 45 20.00 12.37 -14.42
C LYS A 45 20.94 11.78 -15.49
N PHE A 46 21.49 10.60 -15.21
CA PHE A 46 22.45 10.03 -16.14
C PHE A 46 21.84 9.78 -17.51
N LEU A 47 20.65 9.19 -17.53
CA LEU A 47 19.97 8.87 -18.77
C LEU A 47 19.60 10.12 -19.54
N LYS A 48 19.11 11.13 -18.84
CA LYS A 48 18.79 12.41 -19.46
C LYS A 48 20.04 13.07 -20.03
N GLU A 49 21.17 12.95 -19.32
CA GLU A 49 22.43 13.52 -19.79
C GLU A 49 23.02 12.75 -20.99
N ASN A 50 22.66 11.48 -21.13
CA ASN A 50 23.25 10.65 -22.18
C ASN A 50 22.29 10.18 -23.28
N LEU A 51 21.02 10.01 -22.94
CA LEU A 51 20.00 9.70 -23.94
C LEU A 51 18.90 10.76 -23.90
N SER A 52 19.33 12.04 -23.94
CA SER A 52 18.45 13.19 -23.74
C SER A 52 17.14 13.19 -24.54
N ASP A 53 17.23 12.87 -25.83
CA ASP A 53 16.10 12.97 -26.74
C ASP A 53 15.05 11.87 -26.56
N LEU A 54 15.36 10.84 -25.78
CA LEU A 54 14.43 9.74 -25.60
C LEU A 54 14.14 9.41 -24.16
N THR A 55 14.63 10.27 -23.25
CA THR A 55 14.44 10.06 -21.82
C THR A 55 13.35 10.94 -21.27
N PHE A 56 12.34 10.32 -20.68
CA PHE A 56 11.21 11.04 -20.14
C PHE A 56 10.83 10.42 -18.82
N LYS A 57 10.31 11.24 -17.92
CA LYS A 57 9.51 10.71 -16.84
C LYS A 57 8.14 10.57 -17.47
N GLN A 58 7.27 9.77 -16.88
CA GLN A 58 5.98 9.49 -17.51
C GLN A 58 5.09 10.74 -17.66
N TYR A 59 5.01 11.57 -16.61
CA TYR A 59 4.16 12.78 -16.64
C TYR A 59 4.70 13.76 -17.68
N GLU A 60 6.03 13.74 -17.81
CA GLU A 60 6.79 14.51 -18.79
C GLU A 60 6.50 14.08 -20.24
N TYR A 61 6.47 12.77 -20.49
CA TYR A 61 6.11 12.27 -21.81
C TYR A 61 4.72 12.71 -22.22
N LEU A 62 3.79 12.62 -21.27
CA LEU A 62 2.40 13.01 -21.50
C LEU A 62 2.31 14.49 -21.83
N ASN A 63 2.99 15.30 -21.03
CA ASN A 63 3.06 16.74 -21.28
C ASN A 63 3.58 17.04 -22.69
N ASP A 64 4.72 16.44 -23.04
CA ASP A 64 5.31 16.61 -24.37
C ASP A 64 4.35 16.21 -25.49
N LEU A 65 3.73 15.05 -25.34
CA LEU A 65 2.78 14.54 -26.33
C LEU A 65 1.63 15.51 -26.55
N PHE A 66 1.11 16.06 -25.45
CA PHE A 66 -0.06 16.91 -25.56
C PHE A 66 0.29 18.33 -26.02
N MET A 67 1.40 18.87 -25.54
CA MET A 67 1.88 20.18 -26.01
C MET A 67 2.06 20.18 -27.52
N LYS A 68 2.68 19.12 -28.04
CA LYS A 68 2.95 18.94 -29.46
C LYS A 68 1.69 18.68 -30.31
N ASN A 69 0.53 18.62 -29.65
CA ASN A 69 -0.72 18.46 -30.36
C ASN A 69 -1.82 19.43 -29.91
N PRO A 70 -1.53 20.75 -29.94
CA PRO A 70 -2.44 21.77 -29.39
C PRO A 70 -3.87 21.71 -29.93
N ALA A 71 -4.05 21.19 -31.15
CA ALA A 71 -5.40 21.05 -31.72
C ALA A 71 -6.19 19.89 -31.11
N ILE A 72 -5.48 18.95 -30.50
CA ILE A 72 -6.13 17.77 -29.94
C ILE A 72 -6.59 18.08 -28.51
N ILE A 73 -7.87 18.40 -28.37
CA ILE A 73 -8.41 18.87 -27.09
C ILE A 73 -9.42 17.87 -26.55
N GLY A 74 -9.51 17.75 -25.23
CA GLY A 74 -10.45 16.81 -24.59
C GLY A 74 -9.95 15.36 -24.55
N HIS A 75 -10.47 14.58 -23.60
CA HIS A 75 -9.91 13.26 -23.31
C HIS A 75 -9.96 12.24 -24.45
N GLU A 76 -11.12 12.15 -25.12
CA GLU A 76 -11.33 11.19 -26.20
C GLU A 76 -10.38 11.45 -27.36
N ALA A 77 -10.24 12.72 -27.74
CA ALA A 77 -9.31 13.11 -28.79
C ALA A 77 -7.86 12.80 -28.45
N ARG A 78 -7.43 13.13 -27.22
CA ARG A 78 -6.06 12.90 -26.74
C ARG A 78 -5.73 11.44 -26.53
N TYR A 79 -6.74 10.66 -26.17
CA TYR A 79 -6.59 9.23 -26.05
C TYR A 79 -6.20 8.59 -27.39
N LYS A 80 -6.60 9.24 -28.48
CA LYS A 80 -6.27 8.76 -29.81
C LYS A 80 -4.80 9.06 -30.21
N LEU A 81 -4.14 9.93 -29.47
CA LEU A 81 -2.74 10.27 -29.77
C LEU A 81 -1.74 9.15 -29.48
N PHE A 82 -2.17 8.17 -28.69
CA PHE A 82 -1.32 7.02 -28.36
C PHE A 82 -1.27 5.97 -29.46
N ASN A 83 -2.32 5.91 -30.28
CA ASN A 83 -2.46 4.91 -31.32
C ASN A 83 -1.97 3.52 -30.88
N SER A 84 -2.26 3.20 -29.63
CA SER A 84 -2.03 1.90 -29.06
C SER A 84 -2.91 1.78 -27.82
N PRO A 85 -3.91 0.88 -27.86
CA PRO A 85 -4.72 0.58 -26.68
C PRO A 85 -3.93 0.08 -25.47
N THR A 86 -2.83 -0.64 -25.72
CA THR A 86 -2.02 -1.14 -24.62
C THR A 86 -1.24 0.01 -23.97
N LEU A 87 -0.77 0.91 -24.81
CA LEU A 87 0.00 2.05 -24.37
C LEU A 87 -0.89 3.15 -23.77
N LEU A 88 -2.10 3.31 -24.30
CA LEU A 88 -3.11 4.11 -23.66
C LEU A 88 -3.37 3.57 -22.26
N PHE A 89 -3.47 2.25 -22.14
CA PHE A 89 -3.75 1.62 -20.87
C PHE A 89 -2.60 1.70 -19.86
N LEU A 90 -1.37 1.60 -20.33
CA LEU A 90 -0.24 1.67 -19.40
C LEU A 90 0.21 3.08 -19.07
N LEU A 91 0.13 3.99 -20.04
CA LEU A 91 0.80 5.29 -19.87
C LEU A 91 -0.14 6.46 -19.62
N SER A 92 -1.39 6.32 -20.01
CA SER A 92 -2.30 7.47 -19.95
C SER A 92 -2.90 7.70 -18.59
N ARG A 93 -3.26 8.94 -18.34
CA ARG A 93 -3.97 9.25 -17.13
C ARG A 93 -5.49 9.22 -17.40
N GLY A 94 -6.27 9.30 -16.33
CA GLY A 94 -7.73 9.16 -16.40
C GLY A 94 -8.43 10.22 -17.23
N LYS A 95 -9.71 10.00 -17.48
CA LYS A 95 -10.51 10.84 -18.35
C LYS A 95 -10.48 12.29 -17.92
N ALA A 96 -10.75 12.54 -16.65
CA ALA A 96 -10.82 13.92 -16.17
C ALA A 96 -9.45 14.60 -16.24
N ALA A 97 -8.42 13.95 -15.70
CA ALA A 97 -7.05 14.49 -15.73
C ALA A 97 -6.56 14.77 -17.16
N THR A 98 -6.99 13.92 -18.09
CA THR A 98 -6.69 14.12 -19.51
C THR A 98 -7.58 15.21 -20.14
N GLU A 99 -8.70 15.52 -19.48
CA GLU A 99 -9.60 16.58 -19.93
C GLU A 99 -9.13 17.92 -19.41
N ASN A 100 -8.70 17.92 -18.16
CA ASN A 100 -8.31 19.16 -17.51
C ASN A 100 -6.90 19.63 -17.84
N TRP A 101 -6.17 18.81 -18.58
CA TRP A 101 -4.82 19.12 -18.97
C TRP A 101 -4.79 20.38 -19.85
N SER A 102 -3.83 21.26 -19.60
CA SER A 102 -3.53 22.38 -20.50
C SER A 102 -2.09 22.83 -20.24
N ILE A 103 -1.61 23.82 -21.00
CA ILE A 103 -0.27 24.36 -20.81
C ILE A 103 -0.16 25.08 -19.48
N GLU A 104 -1.28 25.58 -18.98
CA GLU A 104 -1.30 26.21 -17.67
C GLU A 104 -1.56 25.19 -16.56
N ASN A 105 -2.13 24.03 -16.92
CA ASN A 105 -2.40 22.94 -15.94
C ASN A 105 -1.67 21.62 -16.25
N LEU A 106 -0.34 21.66 -16.25
CA LEU A 106 0.43 20.48 -16.64
C LEU A 106 0.45 19.34 -15.63
N PHE A 107 0.75 18.15 -16.12
CA PHE A 107 0.88 16.96 -15.28
C PHE A 107 2.15 17.04 -14.45
N GLU A 108 2.10 16.38 -13.30
CA GLU A 108 3.21 16.35 -12.38
C GLU A 108 3.45 14.93 -11.93
N GLU A 109 4.69 14.66 -11.50
CA GLU A 109 5.09 13.32 -11.07
C GLU A 109 4.09 12.76 -10.06
N LYS A 110 3.58 11.57 -10.34
CA LYS A 110 2.71 10.88 -9.40
C LYS A 110 3.21 9.44 -9.22
N GLN A 111 3.22 8.96 -7.98
CA GLN A 111 3.67 7.58 -7.67
C GLN A 111 2.81 6.53 -8.38
N ASN A 112 1.51 6.81 -8.50
CA ASN A 112 0.53 5.93 -9.17
C ASN A 112 0.80 5.64 -10.65
N ASP A 113 1.61 6.50 -11.27
CA ASP A 113 2.05 6.26 -12.64
C ASP A 113 2.78 4.92 -12.76
N THR A 114 2.62 4.31 -13.94
CA THR A 114 3.15 2.99 -14.23
C THR A 114 4.69 2.91 -14.17
N ALA A 115 5.36 3.78 -14.93
CA ALA A 115 6.81 3.71 -15.12
C ALA A 115 7.56 4.80 -14.37
N ASP A 116 8.75 4.48 -13.86
CA ASP A 116 9.62 5.48 -13.26
C ASP A 116 10.12 6.39 -14.35
N ILE A 117 10.53 5.77 -15.45
CA ILE A 117 11.19 6.44 -16.54
C ILE A 117 10.64 5.86 -17.81
N LEU A 118 10.45 6.72 -18.82
CA LEU A 118 10.11 6.31 -20.17
C LEU A 118 11.23 6.64 -21.14
N LEU A 119 11.60 5.66 -21.95
CA LEU A 119 12.54 5.86 -23.04
C LEU A 119 11.83 5.48 -24.31
N VAL A 120 11.71 6.46 -25.20
CA VAL A 120 11.02 6.25 -26.48
C VAL A 120 11.77 6.79 -27.70
N LYS A 121 11.77 6.02 -28.78
CA LYS A 121 12.52 6.33 -30.00
C LYS A 121 12.01 5.42 -31.10
N ASP A 122 11.69 6.01 -32.24
CA ASP A 122 11.32 5.27 -33.43
C ASP A 122 10.14 4.33 -33.13
N GLN A 123 9.17 4.85 -32.38
CA GLN A 123 7.93 4.12 -32.05
C GLN A 123 8.08 2.97 -31.04
N PHE A 124 9.21 2.89 -30.35
CA PHE A 124 9.39 1.84 -29.34
C PHE A 124 9.41 2.44 -27.95
N TYR A 125 8.79 1.74 -27.00
CA TYR A 125 8.64 2.26 -25.65
C TYR A 125 9.32 1.37 -24.64
N GLU A 126 10.23 1.96 -23.89
CA GLU A 126 10.88 1.25 -22.81
C GLU A 126 10.42 1.82 -21.48
N LEU A 127 9.45 1.13 -20.88
CA LEU A 127 9.03 1.45 -19.52
C LEU A 127 10.13 0.95 -18.57
N LEU A 128 10.67 1.84 -17.77
CA LEU A 128 11.73 1.45 -16.85
C LEU A 128 11.43 1.83 -15.41
N ASP A 129 11.55 0.85 -14.52
CA ASP A 129 11.54 1.09 -13.10
C ASP A 129 12.92 0.92 -12.51
N VAL A 130 13.21 1.76 -11.53
CA VAL A 130 14.40 1.65 -10.73
C VAL A 130 13.96 1.10 -9.38
N LYS A 131 14.66 0.09 -8.91
CA LYS A 131 14.44 -0.48 -7.59
C LYS A 131 15.71 -0.33 -6.74
N THR A 132 15.59 0.24 -5.54
CA THR A 132 16.76 0.37 -4.69
C THR A 132 16.65 -0.56 -3.49
N ARG A 133 17.77 -1.11 -3.06
CA ARG A 133 17.76 -2.03 -1.92
C ARG A 133 19.10 -2.08 -1.18
N ASN A 134 19.03 -2.46 0.10
CA ASN A 134 20.20 -2.73 0.90
C ASN A 134 20.88 -4.08 0.57
N ILE A 135 20.43 -5.16 1.21
CA ILE A 135 20.97 -6.53 0.98
C ILE A 135 20.02 -7.65 1.49
N ALA A 139 16.32 -6.04 1.38
CA ALA A 139 16.22 -7.49 1.54
C ALA A 139 14.93 -8.06 0.94
N GLN A 140 13.79 -7.45 1.27
CA GLN A 140 12.48 -7.96 0.91
C GLN A 140 12.05 -7.53 -0.50
N ALA A 141 11.63 -8.49 -1.32
CA ALA A 141 11.28 -8.24 -2.74
C ALA A 141 10.26 -7.11 -2.95
N PRO A 142 10.61 -6.10 -3.77
CA PRO A 142 9.73 -4.96 -4.00
C PRO A 142 8.50 -5.33 -4.84
N ALA A 143 7.48 -4.47 -4.80
CA ALA A 143 6.35 -4.56 -5.71
C ALA A 143 6.83 -4.26 -7.12
N ILE A 144 6.33 -4.98 -8.11
CA ILE A 144 6.78 -4.73 -9.48
C ILE A 144 5.63 -4.10 -10.27
N ILE A 145 4.60 -4.90 -10.54
CA ILE A 145 3.41 -4.40 -11.19
C ILE A 145 2.26 -5.25 -10.66
N SER A 146 1.07 -4.68 -10.56
CA SER A 146 -0.11 -5.53 -10.36
C SER A 146 -0.14 -6.69 -11.35
N ALA A 147 -0.32 -7.90 -10.81
CA ALA A 147 -0.43 -9.10 -11.62
C ALA A 147 -1.59 -8.95 -12.58
N TYR A 148 -2.63 -8.28 -12.11
CA TYR A 148 -3.86 -8.06 -12.87
C TYR A 148 -3.68 -7.01 -13.95
N LYS A 149 -3.01 -5.90 -13.60
CA LYS A 149 -2.66 -4.87 -14.56
C LYS A 149 -1.83 -5.48 -15.67
N LEU A 150 -0.91 -6.38 -15.31
CA LEU A 150 -0.12 -7.10 -16.31
C LEU A 150 -1.00 -7.98 -17.21
N ALA A 151 -1.97 -8.68 -16.61
CA ALA A 151 -2.83 -9.58 -17.37
C ALA A 151 -3.56 -8.79 -18.42
N GLN A 152 -4.12 -7.65 -18.00
CA GLN A 152 -4.76 -6.69 -18.92
C GLN A 152 -3.82 -6.18 -20.01
N THR A 153 -2.60 -5.80 -19.64
CA THR A 153 -1.60 -5.41 -20.63
C THR A 153 -1.44 -6.50 -21.70
N CYS A 154 -1.24 -7.74 -21.24
CA CYS A 154 -1.09 -8.90 -22.13
C CYS A 154 -2.30 -9.10 -23.02
N ALA A 155 -3.50 -9.01 -22.45
CA ALA A 155 -4.71 -9.21 -23.23
C ALA A 155 -4.76 -8.23 -24.41
N LYS A 156 -4.52 -6.95 -24.11
CA LYS A 156 -4.52 -5.88 -25.12
C LYS A 156 -3.42 -6.09 -26.16
N MET A 157 -2.22 -6.44 -25.69
CA MET A 157 -1.12 -6.81 -26.57
C MET A 157 -1.62 -7.80 -27.61
N ILE A 158 -2.19 -8.90 -27.13
CA ILE A 158 -2.65 -9.98 -27.98
C ILE A 158 -3.78 -9.53 -28.89
N ASP A 159 -4.76 -8.82 -28.34
CA ASP A 159 -5.89 -8.33 -29.13
C ASP A 159 -5.48 -7.37 -30.23
N ASN A 160 -4.45 -6.57 -29.99
CA ASN A 160 -4.05 -5.55 -30.94
C ASN A 160 -2.75 -5.92 -31.66
N LYS A 161 -2.33 -7.17 -31.47
CA LYS A 161 -1.04 -7.70 -31.96
C LYS A 161 0.12 -6.72 -31.80
N GLU A 162 0.25 -6.19 -30.58
CA GLU A 162 1.24 -5.16 -30.27
C GLU A 162 2.48 -5.72 -29.62
N PHE A 163 3.12 -6.64 -30.34
CA PHE A 163 4.19 -7.46 -29.78
C PHE A 163 5.58 -6.82 -29.90
N ASP A 164 5.66 -5.72 -30.63
CA ASP A 164 6.93 -5.06 -30.89
C ASP A 164 6.83 -3.57 -30.59
N LEU A 165 6.28 -3.23 -29.43
CA LEU A 165 5.99 -1.84 -29.12
C LEU A 165 6.73 -1.37 -27.87
N PHE A 166 6.78 -2.24 -26.87
CA PHE A 166 7.31 -1.84 -25.59
C PHE A 166 8.02 -2.96 -24.84
N ASP A 167 8.82 -2.56 -23.85
CA ASP A 167 9.38 -3.47 -22.86
C ASP A 167 9.11 -2.88 -21.48
N ILE A 168 9.05 -3.74 -20.48
CA ILE A 168 9.02 -3.31 -19.10
C ILE A 168 10.27 -3.86 -18.46
N ASN A 169 11.28 -3.02 -18.33
CA ASN A 169 12.60 -3.39 -17.83
C ASN A 169 12.90 -2.76 -16.49
N TYR A 170 13.92 -3.28 -15.82
CA TYR A 170 14.19 -2.85 -14.46
C TYR A 170 15.64 -2.65 -14.20
N LEU A 171 15.89 -1.77 -13.24
CA LEU A 171 17.20 -1.42 -12.81
C LEU A 171 17.21 -1.42 -11.28
N GLU A 172 18.06 -2.23 -10.71
CA GLU A 172 18.17 -2.30 -9.27
C GLU A 172 19.46 -1.64 -8.85
N VAL A 173 19.37 -0.72 -7.90
CA VAL A 173 20.57 -0.09 -7.36
C VAL A 173 20.77 -0.67 -5.98
N ASP A 174 21.84 -1.43 -5.84
CA ASP A 174 22.17 -2.05 -4.57
C ASP A 174 23.15 -1.15 -3.81
N TRP A 175 22.74 -0.73 -2.62
CA TRP A 175 23.54 0.16 -1.80
C TRP A 175 23.94 -0.45 -0.46
N GLU A 176 24.91 0.18 0.18
CA GLU A 176 25.42 -0.24 1.46
C GLU A 176 25.58 0.99 2.34
N LEU A 177 25.18 0.87 3.61
CA LEU A 177 25.31 1.97 4.57
C LEU A 177 26.78 2.34 4.79
N ASN A 178 27.04 3.60 5.11
CA ASN A 178 28.41 4.12 5.25
C ASN A 178 28.47 5.43 6.04
N GLY A 179 28.62 5.32 7.37
CA GLY A 179 28.63 6.47 8.25
C GLY A 179 27.25 7.12 8.26
N GLU A 180 27.10 8.18 7.47
CA GLU A 180 25.81 8.85 7.27
C GLU A 180 25.41 8.75 5.80
N ASP A 181 26.41 8.44 4.96
CA ASP A 181 26.18 8.18 3.55
C ASP A 181 25.59 6.79 3.28
N LEU A 182 25.05 6.63 2.08
CA LEU A 182 24.74 5.31 1.51
C LEU A 182 25.54 5.28 0.23
N VAL A 183 26.18 4.15 -0.05
CA VAL A 183 26.98 4.03 -1.26
C VAL A 183 26.48 2.88 -2.12
N CYS A 184 26.48 3.11 -3.43
CA CYS A 184 26.09 2.09 -4.38
C CYS A 184 27.18 1.02 -4.47
N VAL A 185 26.83 -0.20 -4.10
CA VAL A 185 27.75 -1.31 -4.19
C VAL A 185 27.69 -1.89 -5.60
N SER A 186 26.48 -2.08 -6.11
CA SER A 186 26.26 -2.61 -7.45
C SER A 186 24.88 -2.32 -8.05
N THR A 187 24.72 -2.74 -9.29
CA THR A 187 23.50 -2.49 -10.04
C THR A 187 23.08 -3.79 -10.72
N SER A 188 21.79 -3.92 -10.94
CA SER A 188 21.31 -5.01 -11.76
C SER A 188 20.30 -4.51 -12.79
N PHE A 189 20.23 -5.21 -13.92
CA PHE A 189 19.27 -4.89 -14.97
C PHE A 189 18.63 -6.17 -15.45
N ALA A 190 17.30 -6.11 -15.65
CA ALA A 190 16.49 -7.25 -16.13
C ALA A 190 15.37 -6.79 -17.03
N GLU A 191 14.90 -7.67 -17.91
CA GLU A 191 13.79 -7.35 -18.78
C GLU A 191 12.65 -8.31 -18.50
N LEU A 192 11.49 -7.76 -18.18
CA LEU A 192 10.33 -8.58 -17.78
C LEU A 192 9.95 -9.58 -18.87
N PHE A 193 10.02 -9.16 -20.12
CA PHE A 193 9.61 -10.06 -21.21
C PHE A 193 10.67 -11.12 -21.54
N LYS A 194 11.79 -11.09 -20.83
CA LYS A 194 12.82 -12.10 -20.94
C LYS A 194 12.78 -13.11 -19.80
N SER A 195 11.82 -12.95 -18.90
CA SER A 195 11.68 -13.82 -17.72
C SER A 195 10.69 -14.95 -17.96
N GLU A 196 10.85 -16.07 -17.23
CA GLU A 196 9.85 -17.13 -17.27
C GLU A 196 8.57 -16.74 -16.47
N PRO A 197 7.44 -16.51 -17.20
CA PRO A 197 6.21 -16.01 -16.58
C PRO A 197 5.80 -16.80 -15.33
N SER A 198 5.99 -18.12 -15.36
CA SER A 198 5.54 -18.96 -14.28
C SER A 198 6.37 -18.84 -13.00
N GLU A 199 7.57 -18.26 -13.09
CA GLU A 199 8.44 -18.01 -11.92
C GLU A 199 8.10 -16.71 -11.19
N LEU A 200 7.06 -16.02 -11.68
CA LEU A 200 6.72 -14.70 -11.18
C LEU A 200 5.86 -14.76 -9.93
N TYR A 201 6.41 -14.32 -8.80
CA TYR A 201 5.65 -14.34 -7.55
C TYR A 201 4.57 -13.27 -7.45
N ILE A 202 3.35 -13.70 -7.18
CA ILE A 202 2.24 -12.78 -7.06
C ILE A 202 1.84 -12.72 -5.58
N ASN A 203 1.84 -11.50 -5.04
CA ASN A 203 1.37 -11.28 -3.69
C ASN A 203 -0.05 -10.71 -3.75
N TRP A 204 -1.04 -11.60 -3.67
CA TRP A 204 -2.42 -11.22 -3.89
C TRP A 204 -2.87 -10.15 -2.91
N ALA A 205 -2.69 -10.39 -1.62
CA ALA A 205 -3.12 -9.44 -0.60
C ALA A 205 -2.44 -8.07 -0.75
N ALA A 206 -1.15 -8.09 -1.03
CA ALA A 206 -0.38 -6.84 -1.16
C ALA A 206 -0.61 -6.16 -2.52
N ALA A 207 -1.86 -5.78 -2.77
CA ALA A 207 -2.31 -5.20 -4.05
C ALA A 207 -2.00 -6.04 -5.30
N MET A 208 -2.05 -7.36 -5.16
CA MET A 208 -1.81 -8.30 -6.28
C MET A 208 -0.49 -8.00 -7.02
N GLN A 209 0.49 -7.52 -6.26
CA GLN A 209 1.73 -7.09 -6.85
C GLN A 209 2.61 -8.27 -7.09
N ILE A 210 3.09 -8.40 -8.32
CA ILE A 210 4.21 -9.27 -8.60
C ILE A 210 5.40 -8.77 -7.79
N GLN A 211 6.00 -9.65 -7.00
CA GLN A 211 7.21 -9.24 -6.28
C GLN A 211 8.42 -10.05 -6.72
N PHE A 212 9.53 -9.35 -6.89
CA PHE A 212 10.81 -9.99 -7.15
C PHE A 212 11.97 -9.01 -7.03
N HIS A 213 13.16 -9.58 -6.83
CA HIS A 213 14.39 -8.83 -6.88
C HIS A 213 14.89 -8.88 -8.28
N VAL A 214 15.21 -7.73 -8.85
CA VAL A 214 15.70 -7.66 -10.21
C VAL A 214 16.96 -8.52 -10.39
N ARG A 215 17.88 -8.44 -9.41
CA ARG A 215 19.15 -9.18 -9.50
C ARG A 215 18.99 -10.65 -9.86
N ASP A 216 17.86 -11.25 -9.50
CA ASP A 216 17.70 -12.68 -9.75
C ASP A 216 16.41 -13.08 -10.46
N LEU A 217 15.81 -12.12 -11.16
CA LEU A 217 14.71 -12.43 -12.04
C LEU A 217 15.28 -13.29 -13.15
N ASP A 218 14.64 -14.43 -13.40
CA ASP A 218 15.03 -15.31 -14.50
C ASP A 218 15.14 -14.48 -15.80
N GLN A 219 16.05 -14.85 -16.68
CA GLN A 219 16.18 -14.14 -17.94
C GLN A 219 16.33 -15.05 -19.15
N GLY A 220 15.87 -16.30 -18.99
CA GLY A 220 16.00 -17.29 -20.06
C GLY A 220 14.80 -17.55 -20.95
N PHE A 221 13.71 -16.80 -20.79
CA PHE A 221 12.57 -17.02 -21.66
C PHE A 221 13.04 -16.86 -23.10
N ASN A 222 12.72 -17.86 -23.92
CA ASN A 222 13.17 -17.91 -25.32
C ASN A 222 12.03 -17.82 -26.31
N GLY A 223 11.02 -17.03 -25.98
CA GLY A 223 9.94 -16.80 -26.91
C GLY A 223 9.81 -15.33 -27.26
N THR A 224 8.85 -15.05 -28.14
CA THR A 224 8.51 -13.69 -28.50
C THR A 224 7.69 -13.09 -27.37
N ARG A 225 7.36 -11.80 -27.52
CA ARG A 225 6.45 -11.15 -26.59
C ARG A 225 5.05 -11.77 -26.69
N GLU A 226 4.67 -12.29 -27.85
CA GLU A 226 3.35 -12.93 -28.00
C GLU A 226 3.28 -14.17 -27.14
N GLU A 227 4.30 -15.01 -27.25
CA GLU A 227 4.36 -16.24 -26.48
C GLU A 227 4.53 -15.93 -25.02
N TRP A 228 5.18 -14.80 -24.72
CA TRP A 228 5.30 -14.34 -23.34
C TRP A 228 3.96 -13.99 -22.75
N ALA A 229 3.15 -13.25 -23.51
CA ALA A 229 1.84 -12.80 -23.11
C ALA A 229 0.91 -14.00 -22.86
N LYS A 230 0.93 -14.97 -23.76
CA LYS A 230 0.06 -16.14 -23.62
C LYS A 230 0.45 -16.92 -22.37
N SER A 231 1.76 -17.12 -22.23
CA SER A 231 2.31 -17.85 -21.10
C SER A 231 2.03 -17.12 -19.80
N TYR A 232 2.16 -15.80 -19.80
CA TYR A 232 1.79 -15.04 -18.60
C TYR A 232 0.29 -15.11 -18.23
N LEU A 233 -0.58 -15.06 -19.23
CA LEU A 233 -2.02 -15.24 -18.97
C LEU A 233 -2.30 -16.61 -18.34
N LYS A 234 -1.67 -17.67 -18.85
CA LYS A 234 -1.75 -18.99 -18.22
C LYS A 234 -1.36 -18.97 -16.73
N HIS A 235 -0.27 -18.28 -16.41
CA HIS A 235 0.18 -18.16 -15.02
C HIS A 235 -0.83 -17.39 -14.16
N PHE A 236 -1.27 -16.23 -14.63
CA PHE A 236 -2.19 -15.39 -13.88
C PHE A 236 -3.48 -16.14 -13.61
N VAL A 237 -4.10 -16.65 -14.67
CA VAL A 237 -5.26 -17.52 -14.56
C VAL A 237 -5.01 -18.66 -13.55
N THR A 238 -3.86 -19.33 -13.65
CA THR A 238 -3.53 -20.41 -12.73
C THR A 238 -3.53 -19.93 -11.28
N GLN A 239 -2.73 -18.91 -11.01
CA GLN A 239 -2.59 -18.35 -9.66
C GLN A 239 -3.90 -17.77 -9.13
N ALA A 240 -4.70 -17.18 -10.02
CA ALA A 240 -6.00 -16.65 -9.66
C ALA A 240 -6.85 -17.75 -9.08
N GLU A 241 -6.89 -18.87 -9.78
CA GLU A 241 -7.57 -20.08 -9.33
C GLU A 241 -6.98 -20.56 -8.01
N GLN A 242 -5.65 -20.64 -7.98
CA GLN A 242 -4.94 -21.02 -6.76
C GLN A 242 -5.22 -20.12 -5.54
N ARG A 243 -5.36 -18.81 -5.76
CA ARG A 243 -5.67 -17.89 -4.67
C ARG A 243 -7.08 -18.10 -4.15
N ALA A 244 -8.06 -18.17 -5.03
CA ALA A 244 -9.45 -18.47 -4.62
C ALA A 244 -9.46 -19.66 -3.67
N ILE A 245 -8.86 -20.76 -4.10
CA ILE A 245 -8.72 -21.96 -3.28
C ILE A 245 -8.01 -21.68 -1.95
N SER A 246 -6.89 -20.96 -2.01
CA SER A 246 -6.12 -20.67 -0.80
C SER A 246 -6.94 -19.84 0.19
N MET A 247 -7.82 -18.98 -0.33
CA MET A 247 -8.64 -18.12 0.53
C MET A 247 -9.58 -18.95 1.37
N ILE A 248 -10.14 -20.01 0.79
CA ILE A 248 -11.04 -20.90 1.52
C ILE A 248 -10.30 -21.55 2.70
N ASP A 249 -9.09 -22.05 2.43
CA ASP A 249 -8.24 -22.65 3.45
C ASP A 249 -7.76 -21.64 4.50
N LYS A 250 -7.45 -20.41 4.08
CA LYS A 250 -6.90 -19.45 5.04
C LYS A 250 -7.94 -18.58 5.78
N PHE A 251 -8.98 -18.15 5.08
CA PHE A 251 -9.87 -17.13 5.59
C PHE A 251 -11.26 -17.64 5.93
N VAL A 252 -11.62 -18.82 5.46
CA VAL A 252 -12.93 -19.38 5.76
C VAL A 252 -12.83 -20.51 6.76
N LYS A 253 -12.22 -21.62 6.34
CA LYS A 253 -12.19 -22.82 7.18
C LYS A 253 -11.84 -22.57 8.66
N PRO A 254 -10.73 -21.83 8.95
CA PRO A 254 -10.32 -21.69 10.36
C PRO A 254 -11.34 -20.94 11.21
N PHE A 255 -12.14 -20.08 10.59
CA PHE A 255 -13.06 -19.23 11.33
C PHE A 255 -14.49 -19.77 11.43
N LYS A 256 -14.77 -20.83 10.68
CA LYS A 256 -16.09 -21.49 10.66
C LYS A 256 -16.56 -21.89 12.07
N LYS A 257 -15.62 -22.37 12.90
CA LYS A 257 -15.91 -22.89 14.24
C LYS A 257 -16.52 -21.87 15.18
N TYR A 258 -16.38 -20.59 14.84
CA TYR A 258 -16.88 -19.47 15.65
C TYR A 258 -18.28 -19.02 15.23
N ILE A 259 -18.82 -19.64 14.19
CA ILE A 259 -20.22 -19.46 13.82
C ILE A 259 -21.04 -20.71 14.14
N LEU A 260 -20.43 -21.89 13.89
CA LEU A 260 -21.05 -23.22 14.12
C LEU A 260 -22.51 -23.32 13.68
N SER B 4 -14.16 3.89 27.03
CA SER B 4 -13.49 5.02 26.32
C SER B 4 -13.17 6.15 27.29
N PHE B 5 -12.02 6.79 27.07
CA PHE B 5 -11.55 7.89 27.90
C PHE B 5 -11.67 9.23 27.18
N ILE B 6 -11.88 9.18 25.86
CA ILE B 6 -12.04 10.39 25.06
C ILE B 6 -13.49 10.73 24.74
N LYS B 7 -14.34 9.71 24.66
CA LYS B 7 -15.77 9.93 24.52
C LYS B 7 -16.18 11.06 25.47
N PRO B 8 -15.82 10.95 26.79
CA PRO B 8 -16.17 12.00 27.75
C PRO B 8 -15.58 13.39 27.46
N ILE B 9 -14.45 13.44 26.76
CA ILE B 9 -13.76 14.71 26.54
C ILE B 9 -13.75 15.15 25.08
N TYR B 10 -14.60 14.53 24.27
CA TYR B 10 -14.57 14.71 22.82
C TYR B 10 -15.00 16.11 22.37
N GLN B 11 -16.08 16.64 22.96
CA GLN B 11 -16.51 18.01 22.71
C GLN B 11 -15.35 19.00 22.88
N ASP B 12 -14.36 18.62 23.70
CA ASP B 12 -13.15 19.41 23.94
C ASP B 12 -12.13 19.29 22.82
N ILE B 13 -11.82 18.05 22.43
CA ILE B 13 -10.97 17.82 21.27
C ILE B 13 -11.63 18.48 20.06
N ASN B 14 -12.96 18.40 20.00
CA ASN B 14 -13.73 19.05 18.95
C ASN B 14 -13.64 20.58 19.05
N SER B 15 -13.82 21.09 20.28
CA SER B 15 -13.66 22.52 20.55
C SER B 15 -12.33 22.99 20.00
N ILE B 16 -11.26 22.34 20.44
CA ILE B 16 -9.91 22.84 20.15
C ILE B 16 -9.49 22.70 18.68
N LEU B 17 -9.83 21.57 18.07
CA LEU B 17 -9.42 21.31 16.69
C LEU B 17 -10.10 22.22 15.67
N ILE B 18 -11.43 22.28 15.71
CA ILE B 18 -12.21 23.15 14.83
C ILE B 18 -11.62 24.55 14.81
N GLY B 19 -11.33 25.05 13.61
CA GLY B 19 -10.81 26.40 13.43
C GLY B 19 -9.29 26.52 13.40
N GLN B 20 -8.59 25.45 13.73
CA GLN B 20 -7.13 25.44 13.65
C GLN B 20 -6.63 25.38 12.22
N LYS B 21 -5.68 26.26 11.90
CA LYS B 21 -5.03 26.25 10.59
C LYS B 21 -3.73 25.44 10.60
N VAL B 22 -3.39 24.90 9.43
CA VAL B 22 -2.11 24.23 9.21
C VAL B 22 -1.69 24.52 7.76
N LYS B 23 -0.46 25.00 7.58
CA LYS B 23 0.06 25.32 6.23
C LYS B 23 0.60 24.07 5.53
N ALA B 35 -0.22 19.10 4.34
CA ALA B 35 -0.52 17.70 4.05
C ALA B 35 -1.87 17.25 4.60
N GLY B 36 -2.24 17.76 5.78
CA GLY B 36 -3.44 17.32 6.50
C GLY B 36 -3.10 16.45 7.71
N GLU B 37 -1.92 15.85 7.62
CA GLU B 37 -1.35 14.97 8.64
C GLU B 37 -1.00 15.72 9.94
N PRO B 38 -0.39 16.92 9.86
CA PRO B 38 -0.06 17.69 11.08
C PRO B 38 -1.22 17.92 12.05
N PHE B 39 -2.44 17.56 11.63
CA PHE B 39 -3.61 17.56 12.52
C PHE B 39 -3.57 16.41 13.52
N GLU B 40 -3.04 15.27 13.08
CA GLU B 40 -2.79 14.14 13.98
C GLU B 40 -1.85 14.60 15.08
N LYS B 41 -0.95 15.51 14.70
CA LYS B 41 0.08 16.02 15.60
C LYS B 41 -0.56 16.88 16.69
N LEU B 42 -1.59 17.64 16.33
CA LEU B 42 -2.31 18.50 17.29
C LEU B 42 -3.20 17.74 18.30
N VAL B 43 -3.80 16.63 17.86
CA VAL B 43 -4.59 15.76 18.74
C VAL B 43 -3.68 15.10 19.78
N TYR B 44 -2.55 14.58 19.33
CA TYR B 44 -1.59 13.96 20.23
C TYR B 44 -1.13 14.94 21.31
N LYS B 45 -0.62 16.10 20.91
CA LYS B 45 -0.31 17.20 21.83
C LYS B 45 -1.45 17.52 22.81
N PHE B 46 -2.70 17.62 22.32
CA PHE B 46 -3.83 17.89 23.20
C PHE B 46 -4.04 16.80 24.25
N LEU B 47 -3.94 15.55 23.81
CA LEU B 47 -4.20 14.41 24.70
C LEU B 47 -3.05 14.23 25.67
N LYS B 48 -1.82 14.34 25.16
CA LYS B 48 -0.64 14.22 26.01
C LYS B 48 -0.65 15.27 27.11
N GLU B 49 -1.32 16.40 26.87
CA GLU B 49 -1.37 17.49 27.85
C GLU B 49 -2.56 17.43 28.78
N ASN B 50 -3.68 16.89 28.31
CA ASN B 50 -4.92 16.83 29.09
C ASN B 50 -5.24 15.46 29.67
N LEU B 51 -4.55 14.44 29.16
CA LEU B 51 -4.62 13.08 29.67
C LEU B 51 -3.22 12.46 29.70
N SER B 52 -2.29 13.18 30.32
CA SER B 52 -0.83 12.89 30.26
C SER B 52 -0.43 11.44 30.49
N ASP B 53 -0.98 10.80 31.52
CA ASP B 53 -0.52 9.47 31.93
C ASP B 53 -1.12 8.36 31.09
N LEU B 54 -2.31 8.60 30.55
CA LEU B 54 -3.01 7.64 29.72
C LEU B 54 -2.52 7.57 28.26
N THR B 55 -1.87 8.64 27.79
CA THR B 55 -1.68 8.82 26.36
C THR B 55 -0.33 8.35 25.84
N PHE B 56 -0.35 7.46 24.85
CA PHE B 56 0.91 6.92 24.36
C PHE B 56 1.28 7.14 22.91
N LYS B 57 0.79 6.29 22.02
CA LYS B 57 1.53 6.05 20.78
C LYS B 57 2.14 4.69 21.03
N GLN B 58 1.85 3.74 20.14
CA GLN B 58 2.11 2.33 20.38
C GLN B 58 3.54 2.02 20.79
N TYR B 59 4.51 2.73 20.22
CA TYR B 59 5.91 2.45 20.52
C TYR B 59 6.32 3.05 21.85
N GLU B 60 5.65 4.13 22.25
CA GLU B 60 5.90 4.72 23.57
C GLU B 60 5.48 3.74 24.65
N TYR B 61 4.25 3.25 24.54
CA TYR B 61 3.71 2.30 25.50
C TYR B 61 4.61 1.06 25.56
N LEU B 62 4.98 0.56 24.39
CA LEU B 62 5.92 -0.54 24.23
C LEU B 62 7.23 -0.28 24.95
N ASN B 63 7.86 0.86 24.68
CA ASN B 63 9.06 1.26 25.41
C ASN B 63 8.77 1.35 26.91
N ASP B 64 7.59 1.88 27.24
CA ASP B 64 7.18 2.16 28.61
C ASP B 64 7.03 0.86 29.38
N LEU B 65 6.24 -0.06 28.82
CA LEU B 65 5.95 -1.34 29.45
C LEU B 65 7.21 -2.13 29.77
N PHE B 66 8.21 -2.04 28.90
CA PHE B 66 9.45 -2.79 29.05
C PHE B 66 10.42 -2.10 30.01
N MET B 67 10.50 -0.77 29.91
CA MET B 67 11.32 0.05 30.79
C MET B 67 10.95 -0.15 32.25
N LYS B 68 9.64 -0.21 32.55
CA LYS B 68 9.21 -0.33 33.93
C LYS B 68 9.19 -1.79 34.36
N ASN B 69 9.91 -2.62 33.61
CA ASN B 69 10.10 -4.03 33.91
C ASN B 69 11.51 -4.51 33.57
N PRO B 70 12.56 -3.84 34.11
CA PRO B 70 13.94 -4.08 33.68
C PRO B 70 14.40 -5.52 33.93
N ALA B 71 13.70 -6.23 34.82
CA ALA B 71 13.99 -7.62 35.13
C ALA B 71 13.56 -8.57 34.02
N ILE B 72 12.51 -8.20 33.28
CA ILE B 72 11.89 -9.09 32.31
C ILE B 72 12.66 -8.98 31.01
N ILE B 73 13.32 -10.08 30.65
CA ILE B 73 14.28 -10.08 29.53
C ILE B 73 14.05 -11.17 28.49
N GLY B 74 14.11 -10.78 27.22
CA GLY B 74 13.90 -11.71 26.12
C GLY B 74 12.46 -11.72 25.67
N HIS B 75 12.23 -12.22 24.46
CA HIS B 75 10.93 -12.08 23.82
C HIS B 75 9.80 -12.80 24.52
N GLU B 76 10.01 -14.07 24.91
CA GLU B 76 8.96 -14.86 25.62
C GLU B 76 8.53 -14.24 26.95
N ALA B 77 9.51 -13.87 27.77
CA ALA B 77 9.25 -13.22 29.04
C ALA B 77 8.48 -11.91 28.84
N ARG B 78 8.97 -11.04 27.94
CA ARG B 78 8.26 -9.81 27.57
C ARG B 78 6.85 -10.02 27.02
N TYR B 79 6.63 -11.10 26.28
CA TYR B 79 5.31 -11.41 25.75
C TYR B 79 4.34 -11.74 26.87
N LYS B 80 4.88 -12.27 27.96
CA LYS B 80 4.05 -12.51 29.12
C LYS B 80 3.54 -11.19 29.71
N LEU B 81 4.40 -10.17 29.72
CA LEU B 81 4.02 -8.82 30.19
C LEU B 81 2.65 -8.30 29.72
N PHE B 82 2.16 -8.84 28.60
CA PHE B 82 0.91 -8.35 28.04
C PHE B 82 -0.34 -8.89 28.72
N ASN B 83 -0.24 -10.10 29.29
CA ASN B 83 -1.35 -10.75 30.01
C ASN B 83 -2.62 -10.83 29.20
N SER B 84 -2.47 -11.11 27.91
CA SER B 84 -3.58 -11.04 26.97
C SER B 84 -3.11 -11.45 25.58
N PRO B 85 -3.45 -12.67 25.15
CA PRO B 85 -3.18 -13.10 23.79
C PRO B 85 -3.66 -12.08 22.77
N THR B 86 -4.87 -11.56 22.96
CA THR B 86 -5.50 -10.64 22.03
C THR B 86 -4.76 -9.31 21.91
N LEU B 87 -4.28 -8.82 23.04
CA LEU B 87 -3.59 -7.54 23.11
C LEU B 87 -2.16 -7.67 22.61
N LEU B 88 -1.53 -8.80 22.93
CA LEU B 88 -0.23 -9.19 22.36
C LEU B 88 -0.35 -9.07 20.84
N PHE B 89 -1.33 -9.77 20.27
CA PHE B 89 -1.55 -9.75 18.84
C PHE B 89 -1.54 -8.32 18.29
N LEU B 90 -2.32 -7.43 18.92
CA LEU B 90 -2.50 -6.06 18.47
C LEU B 90 -1.26 -5.18 18.57
N LEU B 91 -0.51 -5.33 19.66
CA LEU B 91 0.44 -4.30 20.08
C LEU B 91 1.92 -4.71 20.07
N SER B 92 2.15 -6.02 20.00
CA SER B 92 3.48 -6.58 20.12
C SER B 92 4.29 -6.36 18.85
N ARG B 93 5.61 -6.45 18.98
CA ARG B 93 6.48 -6.20 17.85
C ARG B 93 7.26 -7.41 17.31
N GLY B 94 6.93 -8.61 17.76
CA GLY B 94 7.61 -9.75 17.15
C GLY B 94 8.93 -10.11 17.80
N LYS B 95 9.29 -11.38 17.67
CA LYS B 95 10.40 -11.98 18.41
C LYS B 95 11.67 -11.13 18.43
N ALA B 96 12.26 -10.87 17.27
CA ALA B 96 13.54 -10.19 17.21
C ALA B 96 13.48 -8.78 17.78
N ALA B 97 12.47 -8.00 17.37
CA ALA B 97 12.34 -6.62 17.84
C ALA B 97 12.18 -6.59 19.35
N THR B 98 11.39 -7.53 19.87
CA THR B 98 11.22 -7.68 21.31
C THR B 98 12.49 -8.24 21.92
N GLU B 99 13.20 -9.09 21.16
CA GLU B 99 14.43 -9.69 21.66
C GLU B 99 15.53 -8.65 21.83
N ASN B 100 15.73 -7.83 20.81
CA ASN B 100 16.83 -6.87 20.83
C ASN B 100 16.48 -5.47 21.35
N TRP B 101 15.28 -5.36 21.96
CA TRP B 101 14.89 -4.13 22.61
C TRP B 101 15.73 -3.95 23.86
N SER B 102 16.27 -2.75 24.02
CA SER B 102 16.85 -2.33 25.29
C SER B 102 16.76 -0.81 25.44
N ILE B 103 17.20 -0.31 26.59
CA ILE B 103 17.30 1.13 26.88
C ILE B 103 18.36 1.81 26.00
N GLU B 104 19.03 1.01 25.17
CA GLU B 104 20.00 1.51 24.20
C GLU B 104 19.53 1.14 22.80
N ASN B 105 18.34 0.54 22.71
CA ASN B 105 17.76 0.14 21.43
C ASN B 105 16.24 0.11 21.54
N LEU B 106 15.68 1.29 21.76
CA LEU B 106 14.26 1.44 21.98
C LEU B 106 13.49 1.42 20.66
N PHE B 107 12.21 1.07 20.74
CA PHE B 107 11.33 1.09 19.60
C PHE B 107 11.09 2.52 19.12
N GLU B 108 10.91 2.65 17.82
CA GLU B 108 10.51 3.90 17.17
C GLU B 108 9.26 3.61 16.39
N GLU B 109 8.44 4.64 16.21
CA GLU B 109 7.18 4.48 15.50
C GLU B 109 7.41 3.92 14.11
N LYS B 110 6.69 2.87 13.77
CA LYS B 110 6.62 2.41 12.40
C LYS B 110 5.24 2.86 11.90
N GLN B 111 5.13 3.05 10.59
CA GLN B 111 3.88 3.53 10.01
C GLN B 111 2.98 2.34 9.67
N ASN B 112 3.42 1.15 10.07
CA ASN B 112 2.59 -0.03 9.93
C ASN B 112 2.25 -0.73 11.26
N ASP B 113 2.45 0.01 12.35
CA ASP B 113 1.87 -0.33 13.66
C ASP B 113 0.34 -0.41 13.59
N THR B 114 -0.27 -0.97 14.63
CA THR B 114 -1.72 -1.11 14.69
C THR B 114 -2.40 0.25 14.92
N ALA B 115 -1.98 0.96 15.95
CA ALA B 115 -2.71 2.13 16.39
C ALA B 115 -1.87 3.41 16.39
N ASP B 116 -2.50 4.51 15.98
CA ASP B 116 -1.86 5.81 16.00
C ASP B 116 -1.57 6.17 17.44
N ILE B 117 -2.62 6.15 18.24
CA ILE B 117 -2.53 6.60 19.60
C ILE B 117 -3.08 5.47 20.43
N LEU B 118 -2.47 5.28 21.59
CA LEU B 118 -2.96 4.35 22.57
C LEU B 118 -3.26 5.10 23.86
N LEU B 119 -4.45 4.87 24.38
CA LEU B 119 -4.88 5.41 25.66
C LEU B 119 -5.12 4.26 26.63
N VAL B 120 -4.49 4.32 27.80
CA VAL B 120 -4.61 3.21 28.77
C VAL B 120 -4.73 3.63 30.23
N LYS B 121 -5.74 3.06 30.91
CA LYS B 121 -5.97 3.28 32.34
C LYS B 121 -6.72 2.08 32.94
N ASP B 122 -6.20 1.59 34.08
CA ASP B 122 -6.81 0.48 34.85
C ASP B 122 -7.03 -0.77 34.01
N GLN B 123 -5.96 -1.24 33.37
CA GLN B 123 -5.99 -2.41 32.48
C GLN B 123 -7.02 -2.32 31.32
N PHE B 124 -7.40 -1.10 30.94
CA PHE B 124 -8.25 -0.92 29.76
C PHE B 124 -7.57 -0.12 28.68
N TYR B 125 -7.76 -0.59 27.44
CA TYR B 125 -7.02 -0.07 26.29
C TYR B 125 -7.94 0.55 25.27
N GLU B 126 -7.64 1.80 24.92
CA GLU B 126 -8.34 2.44 23.84
C GLU B 126 -7.36 2.74 22.72
N LEU B 127 -7.45 1.94 21.67
CA LEU B 127 -6.66 2.13 20.46
C LEU B 127 -7.35 3.19 19.65
N LEU B 128 -6.63 4.27 19.37
CA LEU B 128 -7.22 5.36 18.62
C LEU B 128 -6.45 5.61 17.34
N ASP B 129 -7.15 5.56 16.22
CA ASP B 129 -6.60 6.00 14.95
C ASP B 129 -7.18 7.38 14.63
N VAL B 130 -6.31 8.26 14.13
CA VAL B 130 -6.74 9.56 13.60
C VAL B 130 -6.78 9.51 12.07
N LYS B 131 -7.90 9.93 11.51
CA LYS B 131 -8.05 10.12 10.07
C LYS B 131 -8.23 11.61 9.79
N THR B 132 -7.71 12.08 8.67
CA THR B 132 -7.91 13.47 8.25
C THR B 132 -8.36 13.50 6.80
N ARG B 133 -9.17 14.49 6.44
CA ARG B 133 -9.69 14.56 5.08
C ARG B 133 -10.17 15.94 4.61
N ASN B 134 -10.29 16.07 3.29
CA ASN B 134 -10.97 17.18 2.65
C ASN B 134 -12.49 16.95 2.67
N ILE B 135 -13.21 17.51 1.70
CA ILE B 135 -14.66 17.27 1.53
C ILE B 135 -15.00 17.03 0.05
N SER B 138 -15.60 14.93 -0.13
CA SER B 138 -15.88 13.80 -1.02
C SER B 138 -14.62 13.00 -1.43
N ALA B 139 -13.79 12.71 -0.43
CA ALA B 139 -12.54 12.01 -0.57
C ALA B 139 -12.70 10.48 -0.45
N GLN B 140 -11.65 9.76 -0.83
CA GLN B 140 -11.66 8.30 -0.76
C GLN B 140 -11.77 7.82 0.69
N ALA B 141 -12.60 6.80 0.91
CA ALA B 141 -12.69 6.15 2.21
C ALA B 141 -11.36 5.43 2.54
N PRO B 142 -10.69 5.87 3.62
CA PRO B 142 -9.35 5.39 4.03
C PRO B 142 -9.31 3.99 4.65
N ALA B 143 -8.13 3.38 4.64
CA ALA B 143 -7.92 2.07 5.27
C ALA B 143 -8.14 2.11 6.78
N ILE B 144 -8.76 1.05 7.32
CA ILE B 144 -9.05 0.96 8.74
C ILE B 144 -8.21 -0.11 9.43
N ILE B 145 -8.51 -1.39 9.18
CA ILE B 145 -7.68 -2.50 9.64
C ILE B 145 -7.78 -3.54 8.56
N SER B 146 -6.74 -4.35 8.43
CA SER B 146 -6.84 -5.55 7.63
C SER B 146 -8.04 -6.35 8.13
N ALA B 147 -8.97 -6.65 7.22
CA ALA B 147 -10.12 -7.48 7.56
C ALA B 147 -9.68 -8.78 8.22
N TYR B 148 -8.53 -9.29 7.79
CA TYR B 148 -7.97 -10.52 8.31
C TYR B 148 -7.33 -10.32 9.68
N LYS B 149 -6.64 -9.20 9.87
CA LYS B 149 -6.14 -8.86 11.19
C LYS B 149 -7.30 -8.84 12.20
N LEU B 150 -8.40 -8.22 11.79
CA LEU B 150 -9.58 -8.08 12.64
C LEU B 150 -10.22 -9.45 12.89
N ALA B 151 -10.15 -10.33 11.90
CA ALA B 151 -10.72 -11.64 12.01
C ALA B 151 -9.95 -12.42 13.07
N GLN B 152 -8.64 -12.23 13.11
CA GLN B 152 -7.81 -12.92 14.09
C GLN B 152 -8.03 -12.36 15.50
N THR B 153 -8.11 -11.04 15.60
CA THR B 153 -8.43 -10.33 16.84
C THR B 153 -9.69 -10.88 17.51
N CYS B 154 -10.76 -10.93 16.72
CA CYS B 154 -12.05 -11.46 17.15
C CYS B 154 -11.94 -12.88 17.65
N ALA B 155 -11.24 -13.73 16.90
CA ALA B 155 -11.07 -15.14 17.27
C ALA B 155 -10.31 -15.21 18.57
N LYS B 156 -9.27 -14.41 18.68
CA LYS B 156 -8.46 -14.37 19.88
C LYS B 156 -9.26 -13.84 21.06
N MET B 157 -10.12 -12.83 20.82
CA MET B 157 -10.98 -12.29 21.85
C MET B 157 -11.89 -13.36 22.40
N ILE B 158 -12.31 -14.26 21.51
CA ILE B 158 -13.24 -15.31 21.87
C ILE B 158 -12.55 -16.48 22.55
N ASP B 159 -11.49 -16.99 21.93
CA ASP B 159 -10.75 -18.09 22.50
C ASP B 159 -10.42 -17.79 23.96
N ASN B 160 -10.04 -16.54 24.22
CA ASN B 160 -9.56 -16.13 25.53
C ASN B 160 -10.59 -15.37 26.37
N LYS B 161 -11.84 -15.33 25.91
CA LYS B 161 -12.92 -14.57 26.58
C LYS B 161 -12.50 -13.15 27.04
N GLU B 162 -11.79 -12.42 26.18
CA GLU B 162 -11.36 -11.05 26.50
C GLU B 162 -12.34 -10.06 25.86
N PHE B 163 -13.47 -9.85 26.50
CA PHE B 163 -14.51 -9.02 25.91
C PHE B 163 -14.61 -7.62 26.49
N ASP B 164 -13.87 -7.37 27.57
CA ASP B 164 -13.89 -6.10 28.27
C ASP B 164 -12.50 -5.44 28.32
N LEU B 165 -11.67 -5.69 27.32
CA LEU B 165 -10.27 -5.30 27.44
C LEU B 165 -9.83 -4.09 26.60
N PHE B 166 -10.45 -3.92 25.43
CA PHE B 166 -10.03 -2.85 24.54
C PHE B 166 -11.14 -2.41 23.60
N ASP B 167 -11.03 -1.16 23.16
CA ASP B 167 -11.86 -0.65 22.10
C ASP B 167 -10.98 -0.12 20.99
N ILE B 168 -11.52 -0.10 19.77
CA ILE B 168 -10.83 0.48 18.66
C ILE B 168 -11.67 1.64 18.19
N ASN B 169 -11.20 2.85 18.46
CA ASN B 169 -11.97 4.03 18.12
C ASN B 169 -11.23 4.90 17.11
N TYR B 170 -11.96 5.84 16.50
CA TYR B 170 -11.41 6.71 15.48
C TYR B 170 -11.82 8.16 15.64
N LEU B 171 -10.92 9.04 15.20
CA LEU B 171 -11.19 10.43 15.22
C LEU B 171 -10.94 10.90 13.80
N GLU B 172 -11.91 11.59 13.22
CA GLU B 172 -11.78 12.10 11.87
C GLU B 172 -11.64 13.60 11.95
N VAL B 173 -10.71 14.17 11.20
CA VAL B 173 -10.48 15.62 11.21
C VAL B 173 -10.74 16.20 9.82
N ASP B 174 -11.84 16.94 9.70
CA ASP B 174 -12.27 17.46 8.40
C ASP B 174 -11.73 18.85 8.21
N TRP B 175 -10.93 19.03 7.16
CA TRP B 175 -10.37 20.34 6.84
C TRP B 175 -10.82 20.85 5.46
N GLU B 176 -10.84 22.15 5.30
CA GLU B 176 -10.97 22.76 3.99
C GLU B 176 -9.72 23.60 3.71
N LEU B 177 -9.35 23.68 2.43
CA LEU B 177 -8.20 24.46 2.03
C LEU B 177 -8.58 25.94 2.03
N ASN B 178 -7.72 26.76 2.62
CA ASN B 178 -7.94 28.21 2.66
C ASN B 178 -6.69 28.98 2.23
N GLY B 179 -6.52 29.14 0.91
CA GLY B 179 -5.32 29.74 0.35
C GLY B 179 -4.10 28.84 0.49
N GLU B 180 -3.16 29.25 1.33
CA GLU B 180 -1.94 28.49 1.55
C GLU B 180 -2.15 27.37 2.57
N ASP B 181 -3.09 27.58 3.48
CA ASP B 181 -3.25 26.71 4.64
C ASP B 181 -4.59 25.98 4.74
N LEU B 182 -4.63 24.96 5.59
CA LEU B 182 -5.79 24.08 5.81
C LEU B 182 -6.41 24.40 7.17
N VAL B 183 -7.73 24.56 7.20
CA VAL B 183 -8.47 24.90 8.43
C VAL B 183 -9.45 23.80 8.83
N CYS B 184 -9.25 23.25 10.03
CA CYS B 184 -10.17 22.23 10.53
C CYS B 184 -11.58 22.80 10.60
N VAL B 185 -12.51 22.07 10.01
CA VAL B 185 -13.90 22.50 9.87
C VAL B 185 -14.83 21.72 10.79
N SER B 186 -14.69 20.40 10.78
CA SER B 186 -15.39 19.57 11.75
C SER B 186 -14.50 18.41 12.18
N THR B 187 -15.02 17.57 13.05
CA THR B 187 -14.33 16.35 13.44
C THR B 187 -15.40 15.29 13.63
N SER B 188 -15.03 14.01 13.63
CA SER B 188 -16.00 12.97 13.96
C SER B 188 -15.38 12.01 14.93
N PHE B 189 -16.24 11.36 15.72
CA PHE B 189 -15.79 10.29 16.58
C PHE B 189 -16.67 9.08 16.39
N ALA B 190 -16.05 7.91 16.34
CA ALA B 190 -16.80 6.67 16.15
C ALA B 190 -16.09 5.48 16.80
N GLU B 191 -16.87 4.47 17.15
CA GLU B 191 -16.33 3.27 17.72
C GLU B 191 -16.58 2.11 16.77
N LEU B 192 -15.52 1.35 16.49
CA LEU B 192 -15.61 0.19 15.62
C LEU B 192 -16.57 -0.83 16.18
N PHE B 193 -16.52 -1.02 17.50
CA PHE B 193 -17.30 -2.05 18.16
C PHE B 193 -18.76 -1.66 18.38
N LYS B 194 -19.14 -0.53 17.78
CA LYS B 194 -20.51 -0.04 17.84
C LYS B 194 -21.14 -0.03 16.46
N SER B 195 -20.31 -0.30 15.44
CA SER B 195 -20.77 -0.44 14.06
C SER B 195 -21.45 -1.79 13.89
N GLU B 196 -22.40 -1.87 12.96
CA GLU B 196 -22.94 -3.16 12.56
C GLU B 196 -21.89 -3.85 11.69
N PRO B 197 -21.33 -4.98 12.17
CA PRO B 197 -20.22 -5.67 11.48
C PRO B 197 -20.49 -6.00 10.02
N SER B 198 -21.71 -6.35 9.68
CA SER B 198 -22.04 -6.74 8.31
C SER B 198 -22.06 -5.56 7.31
N GLU B 199 -21.86 -4.35 7.82
CA GLU B 199 -21.81 -3.17 6.95
C GLU B 199 -20.38 -2.79 6.58
N LEU B 200 -19.42 -3.42 7.24
CA LEU B 200 -18.02 -3.08 7.05
C LEU B 200 -17.54 -3.48 5.65
N TYR B 201 -17.16 -2.50 4.85
CA TYR B 201 -16.68 -2.76 3.48
C TYR B 201 -15.22 -3.21 3.46
N ILE B 202 -14.98 -4.39 2.91
CA ILE B 202 -13.63 -4.95 2.84
C ILE B 202 -13.05 -4.77 1.45
N ASN B 203 -12.02 -3.94 1.32
CA ASN B 203 -11.31 -3.85 0.04
C ASN B 203 -10.20 -4.89 0.03
N TRP B 204 -10.48 -5.99 -0.65
CA TRP B 204 -9.61 -7.16 -0.70
C TRP B 204 -8.26 -6.96 -1.35
N ALA B 205 -8.25 -6.29 -2.49
CA ALA B 205 -7.04 -6.08 -3.27
C ALA B 205 -6.07 -5.16 -2.51
N ALA B 206 -6.64 -4.14 -1.87
CA ALA B 206 -5.86 -3.15 -1.13
C ALA B 206 -5.55 -3.63 0.28
N ALA B 207 -4.73 -4.67 0.39
CA ALA B 207 -4.24 -5.19 1.67
C ALA B 207 -5.35 -5.72 2.60
N MET B 208 -6.41 -6.24 1.97
CA MET B 208 -7.59 -6.78 2.68
C MET B 208 -8.19 -5.75 3.66
N GLN B 209 -8.02 -4.47 3.34
CA GLN B 209 -8.38 -3.38 4.23
C GLN B 209 -9.88 -3.15 4.24
N ILE B 210 -10.46 -3.05 5.42
CA ILE B 210 -11.81 -2.53 5.47
C ILE B 210 -11.64 -1.03 5.33
N GLN B 211 -12.42 -0.41 4.43
CA GLN B 211 -12.37 1.02 4.31
C GLN B 211 -13.73 1.58 4.69
N PHE B 212 -13.72 2.63 5.49
CA PHE B 212 -14.92 3.42 5.75
C PHE B 212 -14.58 4.85 6.08
N HIS B 213 -15.54 5.74 5.88
CA HIS B 213 -15.42 7.09 6.39
C HIS B 213 -15.94 7.13 7.83
N VAL B 214 -15.07 7.54 8.74
CA VAL B 214 -15.38 7.58 10.18
C VAL B 214 -16.70 8.29 10.43
N ARG B 215 -16.85 9.45 9.79
CA ARG B 215 -18.05 10.29 9.90
C ARG B 215 -19.33 9.54 9.59
N ASP B 216 -19.26 8.62 8.64
CA ASP B 216 -20.42 7.88 8.21
C ASP B 216 -20.56 6.51 8.87
N LEU B 217 -19.60 6.12 9.70
CA LEU B 217 -19.71 4.81 10.36
C LEU B 217 -20.98 4.76 11.20
N ASP B 218 -21.82 3.77 10.95
CA ASP B 218 -23.04 3.64 11.76
C ASP B 218 -22.64 3.13 13.14
N GLN B 219 -23.41 3.51 14.15
CA GLN B 219 -23.05 3.24 15.53
C GLN B 219 -24.22 2.66 16.32
N GLY B 220 -25.06 1.89 15.64
CA GLY B 220 -26.26 1.32 16.25
C GLY B 220 -26.22 -0.16 16.60
N PHE B 221 -25.02 -0.70 16.82
CA PHE B 221 -24.89 -2.07 17.27
C PHE B 221 -25.19 -2.14 18.76
N ASN B 222 -26.17 -2.94 19.13
CA ASN B 222 -26.45 -3.20 20.54
C ASN B 222 -26.34 -4.68 20.85
N GLY B 223 -25.31 -5.01 21.62
CA GLY B 223 -25.00 -6.39 21.93
C GLY B 223 -23.74 -6.49 22.75
N THR B 224 -23.40 -7.70 23.17
CA THR B 224 -22.12 -7.94 23.83
C THR B 224 -21.00 -7.69 22.82
N ARG B 225 -19.78 -7.46 23.29
CA ARG B 225 -18.64 -7.39 22.39
C ARG B 225 -18.42 -8.73 21.71
N GLU B 226 -18.66 -9.80 22.48
CA GLU B 226 -18.70 -11.17 21.99
C GLU B 226 -19.59 -11.30 20.75
N GLU B 227 -20.83 -10.80 20.88
CA GLU B 227 -21.77 -10.81 19.75
C GLU B 227 -21.22 -10.05 18.57
N TRP B 228 -20.43 -9.00 18.84
CA TRP B 228 -19.82 -8.25 17.75
C TRP B 228 -18.75 -9.11 17.08
N ALA B 229 -17.93 -9.76 17.90
CA ALA B 229 -16.90 -10.65 17.41
C ALA B 229 -17.49 -11.77 16.58
N LYS B 230 -18.46 -12.50 17.15
CA LYS B 230 -19.14 -13.57 16.42
C LYS B 230 -19.75 -13.01 15.14
N SER B 231 -20.32 -11.81 15.21
CA SER B 231 -20.96 -11.23 14.04
C SER B 231 -19.94 -10.76 13.01
N TYR B 232 -18.83 -10.19 13.47
CA TYR B 232 -17.78 -9.85 12.53
C TYR B 232 -17.28 -11.07 11.78
N LEU B 233 -16.92 -12.11 12.52
CA LEU B 233 -16.40 -13.37 11.96
C LEU B 233 -17.33 -14.01 10.96
N LYS B 234 -18.64 -13.77 11.11
CA LYS B 234 -19.64 -14.21 10.16
C LYS B 234 -19.49 -13.45 8.85
N HIS B 235 -19.24 -12.14 8.97
CA HIS B 235 -19.09 -11.25 7.82
C HIS B 235 -17.78 -11.57 7.09
N PHE B 236 -16.69 -11.61 7.84
CA PHE B 236 -15.42 -11.87 7.24
C PHE B 236 -15.47 -13.14 6.40
N VAL B 237 -16.01 -14.22 6.97
CA VAL B 237 -16.12 -15.51 6.28
C VAL B 237 -17.00 -15.41 5.04
N THR B 238 -18.21 -14.87 5.20
CA THR B 238 -19.09 -14.69 4.05
C THR B 238 -18.40 -13.90 2.94
N GLN B 239 -17.72 -12.81 3.34
CA GLN B 239 -17.04 -11.94 2.38
C GLN B 239 -15.86 -12.62 1.69
N ALA B 240 -15.13 -13.42 2.45
CA ALA B 240 -14.01 -14.18 1.92
C ALA B 240 -14.49 -15.16 0.86
N GLU B 241 -15.52 -15.95 1.18
CA GLU B 241 -16.13 -16.88 0.22
C GLU B 241 -16.56 -16.16 -1.06
N GLN B 242 -17.17 -15.00 -0.90
CA GLN B 242 -17.67 -14.22 -2.05
C GLN B 242 -16.53 -13.71 -2.91
N ARG B 243 -15.43 -13.33 -2.25
CA ARG B 243 -14.25 -12.79 -2.93
C ARG B 243 -13.56 -13.84 -3.79
N ALA B 244 -13.29 -15.00 -3.18
CA ALA B 244 -12.71 -16.12 -3.90
C ALA B 244 -13.53 -16.48 -5.13
N ILE B 245 -14.85 -16.53 -4.96
CA ILE B 245 -15.73 -16.80 -6.07
C ILE B 245 -15.52 -15.72 -7.13
N SER B 246 -15.65 -14.46 -6.75
CA SER B 246 -15.53 -13.35 -7.71
C SER B 246 -14.18 -13.25 -8.42
N MET B 247 -13.12 -13.87 -7.88
CA MET B 247 -11.83 -13.94 -8.57
C MET B 247 -11.97 -14.73 -9.87
N ILE B 248 -12.88 -15.69 -9.88
CA ILE B 248 -13.13 -16.47 -11.08
C ILE B 248 -13.71 -15.59 -12.19
N ASP B 249 -14.73 -14.80 -11.89
CA ASP B 249 -15.28 -13.89 -12.92
C ASP B 249 -14.35 -12.75 -13.22
N LYS B 250 -13.62 -12.28 -12.20
CA LYS B 250 -12.81 -11.08 -12.39
C LYS B 250 -11.51 -11.41 -13.10
N PHE B 251 -10.92 -12.55 -12.75
CA PHE B 251 -9.52 -12.86 -13.08
C PHE B 251 -9.27 -14.12 -13.90
N VAL B 252 -10.29 -14.96 -14.07
CA VAL B 252 -10.13 -16.19 -14.81
C VAL B 252 -10.97 -16.08 -16.07
N LYS B 253 -12.27 -15.99 -15.89
CA LYS B 253 -13.25 -15.87 -16.98
C LYS B 253 -12.79 -15.01 -18.16
N PRO B 254 -12.30 -13.77 -17.92
CA PRO B 254 -11.95 -12.91 -19.06
C PRO B 254 -10.68 -13.29 -19.81
N PHE B 255 -9.82 -14.11 -19.21
CA PHE B 255 -8.50 -14.40 -19.79
C PHE B 255 -8.33 -15.81 -20.36
N LYS B 256 -9.28 -16.69 -20.04
CA LYS B 256 -9.37 -18.05 -20.60
C LYS B 256 -9.21 -18.09 -22.13
N LYS B 257 -9.90 -17.22 -22.84
CA LYS B 257 -9.86 -17.17 -24.32
C LYS B 257 -8.45 -16.99 -24.87
N TYR B 258 -7.55 -16.49 -24.04
CA TYR B 258 -6.18 -16.24 -24.44
C TYR B 258 -5.31 -17.47 -24.26
N ILE B 259 -5.82 -18.49 -23.57
CA ILE B 259 -5.04 -19.71 -23.38
C ILE B 259 -4.96 -20.46 -24.72
N LEU B 260 -3.94 -20.09 -25.50
CA LEU B 260 -3.72 -20.52 -26.91
C LEU B 260 -4.91 -20.30 -27.85
MN MN E . 9.34 4.04 -8.54
#